data_4UAX
#
_entry.id   4UAX
#
_cell.length_a   56.650
_cell.length_b   83.518
_cell.length_c   94.501
_cell.angle_alpha   90.00
_cell.angle_beta   90.00
_cell.angle_gamma   90.00
#
_symmetry.space_group_name_H-M   'P 21 21 21'
#
loop_
_entity.id
_entity.type
_entity.pdbx_description
1 polymer 'P450 heme-thiolate protein'
2 non-polymer 'PROTOPORPHYRIN IX CONTAINING FE'
3 water water
#
_entity_poly.entity_id   1
_entity_poly.type   'polypeptide(L)'
_entity_poly.pdbx_seq_one_letter_code
;MTQMLTRPDVDLVNGMFYADGGAREAYRWMRANEPVFRDRNGLAAATTYQAVLDAERNPELFSSTGGIRPDQPGMPYMID
MDDPQHLLRRKLVNAGFTRKRVMDKVDSIGRLCDTLIDAVCERGECDFVRDIAAPLPMAVIGDMLGVLPTERDMLLKWSD
DLVCGLSSHVDEAAIQKLMDTFAAYTEFTKDVITKRRAEPTDDLFSVLVNSEVEGQRMSDDEIVFETLLILIGGDETTRH
TLSGGTEQLLRHRDQWDALVADVDLLPGAIEEMLRWTSPVKNMCRTLTADTVFHGTELRAGEKIMLMFESANFDESVFGD
PDNFRIDRNPNSHVAFGFGTHFCLGNQLARLELRLMTERVLRRLPDLRLADDAPVPLRPANFVSGPESMPVVFTPSAPVL
AHHHHHH
;
_entity_poly.pdbx_strand_id   A
#
loop_
_chem_comp.id
_chem_comp.type
_chem_comp.name
_chem_comp.formula
HEM non-polymer 'PROTOPORPHYRIN IX CONTAINING FE' 'C34 H32 Fe N4 O4'
#
# COMPACT_ATOMS: atom_id res chain seq x y z
N GLN A 3 20.72 11.97 14.12
CA GLN A 3 21.50 11.68 15.32
C GLN A 3 22.68 10.76 14.99
N MET A 4 22.56 10.01 13.90
CA MET A 4 23.60 9.09 13.48
C MET A 4 24.89 9.83 13.13
N LEU A 5 25.94 9.56 13.88
CA LEU A 5 27.24 10.22 13.66
C LEU A 5 28.03 9.49 12.59
N THR A 6 27.70 8.21 12.39
CA THR A 6 28.43 7.34 11.48
C THR A 6 27.53 6.85 10.35
N ARG A 7 28.13 6.46 9.23
CA ARG A 7 27.38 5.90 8.10
C ARG A 7 26.63 4.64 8.50
N PRO A 8 25.33 4.54 8.13
CA PRO A 8 24.55 3.34 8.38
C PRO A 8 25.19 2.11 7.73
N ASP A 9 25.25 0.99 8.47
CA ASP A 9 25.76 -0.26 7.91
C ASP A 9 24.60 -1.25 7.85
N VAL A 10 23.85 -1.21 6.75
CA VAL A 10 22.54 -1.86 6.74
C VAL A 10 22.32 -2.66 5.47
N ASP A 11 21.40 -3.61 5.58
CA ASP A 11 20.92 -4.41 4.46
C ASP A 11 19.48 -3.98 4.16
N LEU A 12 19.27 -3.32 3.04
CA LEU A 12 17.95 -2.74 2.76
C LEU A 12 16.92 -3.79 2.31
N VAL A 13 17.37 -5.04 2.19
CA VAL A 13 16.47 -6.14 1.90
C VAL A 13 16.09 -6.86 3.20
N ASN A 14 16.73 -6.46 4.30
CA ASN A 14 16.40 -7.02 5.63
C ASN A 14 15.17 -6.34 6.21
N GLY A 15 14.07 -7.09 6.34
CA GLY A 15 12.83 -6.54 6.88
C GLY A 15 12.97 -5.81 8.20
N MET A 16 13.89 -6.25 9.07
CA MET A 16 14.04 -5.61 10.38
C MET A 16 14.51 -4.16 10.28
N PHE A 17 15.20 -3.80 9.21
CA PHE A 17 15.58 -2.39 9.01
C PHE A 17 14.37 -1.47 9.06
N TYR A 18 13.23 -1.98 8.59
CA TYR A 18 12.03 -1.16 8.45
C TYR A 18 11.16 -1.23 9.69
N ALA A 19 11.53 -2.09 10.62
CA ALA A 19 10.70 -2.33 11.79
C ALA A 19 11.34 -1.91 13.11
N ASP A 20 12.66 -1.83 13.18
CA ASP A 20 13.29 -1.61 14.49
C ASP A 20 13.31 -0.13 14.88
N GLY A 21 12.84 0.73 13.99
CA GLY A 21 12.71 2.14 14.31
C GLY A 21 13.95 2.98 14.02
N GLY A 22 14.99 2.37 13.46
CA GLY A 22 16.20 3.11 13.14
C GLY A 22 16.22 3.68 11.72
N ALA A 23 15.19 3.40 10.93
CA ALA A 23 15.22 3.75 9.51
C ALA A 23 15.26 5.26 9.29
N ARG A 24 14.43 6.03 9.99
CA ARG A 24 14.36 7.45 9.67
C ARG A 24 15.66 8.19 9.98
N GLU A 25 16.37 7.79 11.04
CA GLU A 25 17.66 8.44 11.25
C GLU A 25 18.72 7.90 10.28
N ALA A 26 18.57 6.67 9.79
CA ALA A 26 19.47 6.19 8.74
C ALA A 26 19.21 6.99 7.45
N TYR A 27 17.93 7.18 7.13
CA TYR A 27 17.53 7.97 5.95
C TYR A 27 18.11 9.38 6.06
N ARG A 28 18.09 9.95 7.26
CA ARG A 28 18.58 11.31 7.43
C ARG A 28 20.06 11.39 7.04
N TRP A 29 20.84 10.38 7.44
CA TRP A 29 22.27 10.37 7.11
C TRP A 29 22.44 10.28 5.60
N MET A 30 21.69 9.37 4.98
CA MET A 30 21.79 9.16 3.53
C MET A 30 21.44 10.42 2.73
N ARG A 31 20.34 11.08 3.09
CA ARG A 31 19.90 12.26 2.34
C ARG A 31 20.93 13.39 2.41
N ALA A 32 21.59 13.50 3.56
CA ALA A 32 22.58 14.54 3.77
C ALA A 32 23.95 14.22 3.17
N ASN A 33 24.31 12.93 3.16
CA ASN A 33 25.70 12.54 2.87
C ASN A 33 25.92 11.71 1.62
N GLU A 34 24.89 10.97 1.20
CA GLU A 34 25.03 9.99 0.12
C GLU A 34 23.65 9.68 -0.46
N PRO A 35 23.06 10.66 -1.15
CA PRO A 35 21.65 10.64 -1.58
C PRO A 35 21.24 9.39 -2.34
N VAL A 36 22.13 8.89 -3.19
CA VAL A 36 21.92 7.59 -3.80
C VAL A 36 22.90 6.64 -3.11
N PHE A 37 22.37 5.93 -2.13
CA PHE A 37 23.13 5.18 -1.14
C PHE A 37 23.39 3.75 -1.60
N ARG A 38 24.55 3.20 -1.29
CA ARG A 38 24.75 1.78 -1.53
C ARG A 38 24.86 1.05 -0.21
N ASP A 39 24.01 0.04 -0.02
CA ASP A 39 23.99 -0.65 1.27
C ASP A 39 25.14 -1.67 1.37
N ARG A 40 25.16 -2.48 2.43
CA ARG A 40 26.32 -3.33 2.68
C ARG A 40 26.47 -4.44 1.65
N ASN A 41 25.45 -4.63 0.81
CA ASN A 41 25.57 -5.59 -0.30
C ASN A 41 25.71 -4.91 -1.66
N GLY A 42 25.92 -3.59 -1.65
CA GLY A 42 26.10 -2.82 -2.88
C GLY A 42 24.82 -2.40 -3.57
N LEU A 43 23.68 -2.71 -2.95
CA LEU A 43 22.39 -2.34 -3.53
C LEU A 43 22.16 -0.84 -3.42
N ALA A 44 21.86 -0.22 -4.55
CA ALA A 44 21.65 1.22 -4.62
C ALA A 44 20.23 1.60 -4.21
N ALA A 45 20.12 2.75 -3.58
CA ALA A 45 18.83 3.25 -3.10
C ALA A 45 18.72 4.76 -3.28
N ALA A 46 17.66 5.22 -3.93
CA ALA A 46 17.41 6.66 -4.06
C ALA A 46 16.69 7.15 -2.81
N THR A 47 17.33 8.03 -2.04
CA THR A 47 16.80 8.36 -0.72
C THR A 47 16.25 9.77 -0.57
N THR A 48 16.64 10.68 -1.46
CA THR A 48 16.07 12.02 -1.45
C THR A 48 14.81 12.10 -2.31
N TYR A 49 13.97 13.10 -2.02
CA TYR A 49 12.76 13.32 -2.79
C TYR A 49 13.10 13.57 -4.26
N GLN A 50 14.09 14.42 -4.51
CA GLN A 50 14.48 14.74 -5.87
C GLN A 50 14.97 13.50 -6.62
N ALA A 51 15.76 12.66 -5.96
CA ALA A 51 16.25 11.45 -6.63
C ALA A 51 15.10 10.50 -6.97
N VAL A 52 14.18 10.33 -6.02
CA VAL A 52 13.03 9.46 -6.26
C VAL A 52 12.21 10.02 -7.43
N LEU A 53 11.95 11.33 -7.39
CA LEU A 53 11.13 11.95 -8.44
C LEU A 53 11.82 11.89 -9.80
N ASP A 54 13.12 12.17 -9.85
CA ASP A 54 13.87 12.06 -11.10
C ASP A 54 13.74 10.65 -11.68
N ALA A 55 13.88 9.63 -10.84
CA ALA A 55 13.79 8.25 -11.33
C ALA A 55 12.39 7.95 -11.85
N GLU A 56 11.39 8.40 -11.10
CA GLU A 56 9.99 8.18 -11.49
C GLU A 56 9.66 8.83 -12.81
N ARG A 57 10.21 10.02 -13.04
CA ARG A 57 9.92 10.76 -14.27
C ARG A 57 10.69 10.24 -15.47
N ASN A 58 11.63 9.33 -15.23
CA ASN A 58 12.47 8.81 -16.30
C ASN A 58 12.49 7.29 -16.42
N PRO A 59 11.33 6.68 -16.70
CA PRO A 59 11.30 5.21 -16.85
C PRO A 59 12.14 4.69 -18.03
N GLU A 60 12.47 5.57 -18.98
CA GLU A 60 13.35 5.19 -20.08
C GLU A 60 14.68 4.68 -19.52
N LEU A 61 15.13 5.34 -18.46
CA LEU A 61 16.39 5.00 -17.80
C LEU A 61 16.17 4.06 -16.61
N PHE A 62 15.09 4.29 -15.87
CA PHE A 62 14.79 3.49 -14.68
C PHE A 62 13.58 2.59 -14.94
N SER A 63 13.86 1.37 -15.41
CA SER A 63 12.82 0.50 -15.96
C SER A 63 12.15 -0.36 -14.89
N SER A 64 10.91 -0.76 -15.15
CA SER A 64 10.20 -1.63 -14.22
C SER A 64 10.20 -3.10 -14.63
N THR A 65 10.70 -3.40 -15.83
CA THR A 65 10.56 -4.75 -16.36
C THR A 65 11.49 -5.79 -15.72
N GLY A 66 12.46 -5.33 -14.93
CA GLY A 66 13.27 -6.23 -14.15
C GLY A 66 12.57 -6.74 -12.91
N GLY A 67 11.36 -6.22 -12.66
CA GLY A 67 10.62 -6.58 -11.45
C GLY A 67 10.82 -5.53 -10.36
N ILE A 68 9.79 -5.28 -9.55
CA ILE A 68 9.87 -4.15 -8.61
C ILE A 68 10.28 -4.57 -7.19
N ARG A 69 10.61 -5.85 -7.03
CA ARG A 69 11.21 -6.34 -5.78
C ARG A 69 12.68 -6.70 -5.99
N PRO A 70 13.47 -6.65 -4.90
CA PRO A 70 14.83 -7.11 -5.05
C PRO A 70 14.92 -8.64 -4.88
N ASP A 71 13.93 -9.24 -4.22
CA ASP A 71 14.03 -10.65 -3.84
C ASP A 71 12.92 -11.55 -4.42
N GLN A 72 12.32 -11.12 -5.53
CA GLN A 72 11.34 -11.92 -6.25
C GLN A 72 11.58 -11.78 -7.75
N PRO A 73 11.17 -12.80 -8.53
CA PRO A 73 11.22 -12.62 -9.98
C PRO A 73 10.12 -11.67 -10.49
N GLY A 74 10.33 -11.04 -11.64
CA GLY A 74 9.30 -10.26 -12.29
C GLY A 74 8.05 -11.11 -12.58
N MET A 75 6.89 -10.47 -12.52
CA MET A 75 5.61 -11.18 -12.66
C MET A 75 4.80 -10.62 -13.84
N PRO A 76 3.81 -11.38 -14.31
CA PRO A 76 3.05 -10.90 -15.47
C PRO A 76 1.91 -9.93 -15.14
N TYR A 77 2.14 -8.96 -14.25
CA TYR A 77 1.12 -7.93 -14.07
C TYR A 77 1.71 -6.54 -14.30
N MET A 78 0.85 -5.52 -14.27
CA MET A 78 1.19 -4.21 -14.86
C MET A 78 2.34 -3.46 -14.18
N ILE A 79 2.55 -3.70 -12.90
CA ILE A 79 3.57 -2.96 -12.18
C ILE A 79 4.98 -3.36 -12.61
N ASP A 80 5.10 -4.52 -13.28
CA ASP A 80 6.39 -5.00 -13.77
C ASP A 80 6.55 -4.75 -15.27
N MET A 81 5.76 -3.82 -15.79
CA MET A 81 5.83 -3.49 -17.22
C MET A 81 6.28 -2.07 -17.46
N ASP A 82 6.89 -1.83 -18.61
CA ASP A 82 7.12 -0.46 -19.08
C ASP A 82 6.09 -0.10 -20.13
N ASP A 83 5.91 1.19 -20.37
CA ASP A 83 5.13 1.64 -21.52
C ASP A 83 5.89 1.24 -22.78
N PRO A 84 5.18 0.91 -23.87
CA PRO A 84 3.73 1.02 -24.06
C PRO A 84 2.90 -0.14 -23.50
N GLN A 85 3.55 -1.27 -23.35
CA GLN A 85 2.76 -2.33 -22.72
CA GLN A 85 2.88 -2.38 -22.75
C GLN A 85 1.95 -2.11 -21.42
N HIS A 86 2.69 -1.38 -20.58
CA HIS A 86 2.09 -1.03 -19.28
C HIS A 86 0.86 -0.14 -19.46
N LEU A 87 0.97 0.84 -20.34
CA LEU A 87 -0.10 1.80 -20.54
C LEU A 87 -1.37 1.11 -21.02
N LEU A 88 -1.22 0.19 -21.96
CA LEU A 88 -2.36 -0.58 -22.45
C LEU A 88 -3.00 -1.40 -21.33
N ARG A 89 -2.18 -2.12 -20.57
CA ARG A 89 -2.71 -2.94 -19.51
C ARG A 89 -3.41 -2.08 -18.47
N ARG A 90 -2.81 -0.94 -18.14
CA ARG A 90 -3.38 -0.04 -17.13
C ARG A 90 -4.73 0.52 -17.59
N LYS A 91 -4.81 0.87 -18.87
CA LYS A 91 -6.07 1.37 -19.42
C LYS A 91 -7.16 0.31 -19.35
N LEU A 92 -6.79 -0.94 -19.60
CA LEU A 92 -7.74 -2.04 -19.47
C LEU A 92 -8.24 -2.18 -18.04
N VAL A 93 -7.33 -2.18 -17.09
CA VAL A 93 -7.70 -2.39 -15.69
C VAL A 93 -8.40 -1.16 -15.11
N ASN A 94 -8.10 0.00 -15.70
CA ASN A 94 -8.65 1.26 -15.19
C ASN A 94 -10.16 1.31 -15.27
N ALA A 95 -10.74 0.53 -16.17
CA ALA A 95 -12.19 0.42 -16.26
C ALA A 95 -12.82 0.07 -14.91
N GLY A 96 -12.07 -0.64 -14.06
CA GLY A 96 -12.55 -0.99 -12.75
C GLY A 96 -12.41 0.13 -11.71
N PHE A 97 -11.67 1.18 -12.05
CA PHE A 97 -11.34 2.22 -11.08
C PHE A 97 -11.67 3.64 -11.54
N THR A 98 -12.69 3.76 -12.38
CA THR A 98 -13.20 5.07 -12.78
C THR A 98 -13.75 5.78 -11.56
N ARG A 99 -13.80 7.10 -11.62
CA ARG A 99 -14.34 7.87 -10.50
C ARG A 99 -15.77 7.44 -10.20
N LYS A 100 -16.53 7.14 -11.25
CA LYS A 100 -17.90 6.67 -11.08
C LYS A 100 -17.97 5.41 -10.22
N ARG A 101 -17.11 4.44 -10.52
CA ARG A 101 -17.18 3.17 -9.80
C ARG A 101 -16.67 3.28 -8.38
N VAL A 102 -15.66 4.12 -8.15
CA VAL A 102 -15.15 4.32 -6.80
C VAL A 102 -16.19 5.04 -5.94
N MET A 103 -16.75 6.14 -6.45
CA MET A 103 -17.78 6.87 -5.70
C MET A 103 -19.05 6.05 -5.50
N ASP A 104 -19.29 5.05 -6.36
CA ASP A 104 -20.45 4.19 -6.17
C ASP A 104 -20.28 3.26 -4.96
N LYS A 105 -19.08 3.18 -4.42
CA LYS A 105 -18.81 2.32 -3.28
C LYS A 105 -18.96 3.05 -1.93
N VAL A 106 -19.33 4.32 -1.98
CA VAL A 106 -19.44 5.09 -0.74
C VAL A 106 -20.40 4.47 0.28
N ASP A 107 -21.59 4.07 -0.19
CA ASP A 107 -22.56 3.49 0.72
C ASP A 107 -22.08 2.15 1.28
N SER A 108 -21.56 1.27 0.42
CA SER A 108 -21.15 -0.06 0.90
C SER A 108 -19.95 0.01 1.82
N ILE A 109 -18.99 0.88 1.52
CA ILE A 109 -17.83 1.00 2.39
C ILE A 109 -18.23 1.60 3.74
N GLY A 110 -19.09 2.61 3.72
CA GLY A 110 -19.56 3.21 4.96
C GLY A 110 -20.25 2.17 5.83
N ARG A 111 -21.07 1.33 5.20
CA ARG A 111 -21.82 0.31 5.91
C ARG A 111 -20.86 -0.72 6.53
N LEU A 112 -19.84 -1.10 5.75
CA LEU A 112 -18.79 -1.98 6.23
C LEU A 112 -18.06 -1.42 7.46
N CYS A 113 -17.75 -0.13 7.41
CA CYS A 113 -17.08 0.53 8.54
C CYS A 113 -17.94 0.49 9.79
N ASP A 114 -19.24 0.71 9.61
CA ASP A 114 -20.13 0.70 10.75
C ASP A 114 -20.19 -0.68 11.38
N THR A 115 -20.14 -1.73 10.56
CA THR A 115 -20.23 -3.10 11.10
C THR A 115 -18.97 -3.47 11.87
N LEU A 116 -17.81 -3.03 11.39
CA LEU A 116 -16.56 -3.26 12.10
C LEU A 116 -16.53 -2.56 13.45
N ILE A 117 -17.00 -1.31 13.49
CA ILE A 117 -16.98 -0.57 14.74
C ILE A 117 -18.05 -1.14 15.71
N ASP A 118 -19.17 -1.59 15.18
CA ASP A 118 -20.19 -2.28 15.99
C ASP A 118 -19.63 -3.46 16.77
N ALA A 119 -18.65 -4.15 16.19
CA ALA A 119 -18.09 -5.33 16.84
C ALA A 119 -17.22 -4.96 18.05
N VAL A 120 -16.78 -3.70 18.13
CA VAL A 120 -15.92 -3.31 19.26
C VAL A 120 -16.48 -2.20 20.18
N CYS A 121 -17.48 -1.44 19.72
CA CYS A 121 -17.87 -0.23 20.43
C CYS A 121 -18.34 -0.47 21.87
N GLU A 122 -18.92 -1.63 22.15
CA GLU A 122 -19.41 -1.88 23.50
C GLU A 122 -18.32 -2.29 24.47
N ARG A 123 -17.16 -2.63 23.94
CA ARG A 123 -16.05 -3.17 24.73
C ARG A 123 -15.25 -2.12 25.52
N GLY A 124 -15.16 -0.90 24.99
CA GLY A 124 -14.30 0.12 25.58
C GLY A 124 -12.82 -0.03 25.26
N GLU A 125 -12.48 -1.07 24.52
CA GLU A 125 -11.10 -1.30 24.10
C GLU A 125 -11.05 -2.25 22.90
N CYS A 126 -9.97 -2.17 22.14
CA CYS A 126 -9.73 -3.13 21.07
C CYS A 126 -8.29 -3.00 20.61
N ASP A 127 -7.90 -3.88 19.70
CA ASP A 127 -6.64 -3.74 18.98
C ASP A 127 -7.02 -3.04 17.68
N PHE A 128 -6.52 -1.82 17.49
CA PHE A 128 -6.96 -1.04 16.33
C PHE A 128 -6.56 -1.73 15.03
N VAL A 129 -5.45 -2.45 15.05
CA VAL A 129 -5.00 -3.17 13.86
C VAL A 129 -5.90 -4.39 13.60
N ARG A 130 -5.94 -5.31 14.55
CA ARG A 130 -6.72 -6.55 14.39
C ARG A 130 -8.21 -6.30 14.11
N ASP A 131 -8.78 -5.34 14.80
CA ASP A 131 -10.24 -5.20 14.85
C ASP A 131 -10.81 -4.15 13.91
N ILE A 132 -9.98 -3.19 13.48
CA ILE A 132 -10.47 -2.12 12.63
C ILE A 132 -9.68 -1.98 11.32
N ALA A 133 -8.37 -1.80 11.41
CA ALA A 133 -7.56 -1.49 10.22
C ALA A 133 -7.34 -2.69 9.32
N ALA A 134 -7.13 -3.87 9.89
CA ALA A 134 -6.85 -5.04 9.07
C ALA A 134 -8.09 -5.58 8.31
N PRO A 135 -9.27 -5.65 8.97
CA PRO A 135 -10.40 -6.23 8.23
C PRO A 135 -10.87 -5.38 7.06
N LEU A 136 -10.79 -4.05 7.18
CA LEU A 136 -11.45 -3.17 6.21
C LEU A 136 -10.96 -3.32 4.75
N PRO A 137 -9.65 -3.19 4.50
CA PRO A 137 -9.25 -3.17 3.09
C PRO A 137 -9.57 -4.47 2.36
N MET A 138 -9.44 -5.60 3.05
CA MET A 138 -9.71 -6.89 2.43
C MET A 138 -11.21 -7.06 2.20
N ALA A 139 -12.02 -6.62 3.14
CA ALA A 139 -13.46 -6.67 2.95
C ALA A 139 -13.89 -5.80 1.76
N VAL A 140 -13.26 -4.64 1.60
CA VAL A 140 -13.57 -3.76 0.47
C VAL A 140 -13.17 -4.43 -0.83
N ILE A 141 -11.99 -5.06 -0.86
CA ILE A 141 -11.56 -5.73 -2.08
C ILE A 141 -12.48 -6.94 -2.38
N GLY A 142 -12.83 -7.69 -1.34
CA GLY A 142 -13.74 -8.82 -1.49
C GLY A 142 -15.07 -8.43 -2.10
N ASP A 143 -15.66 -7.37 -1.55
CA ASP A 143 -16.92 -6.85 -2.07
C ASP A 143 -16.78 -6.37 -3.51
N MET A 144 -15.70 -5.65 -3.79
CA MET A 144 -15.40 -5.18 -5.15
C MET A 144 -15.37 -6.34 -6.15
N LEU A 145 -14.76 -7.45 -5.77
CA LEU A 145 -14.71 -8.63 -6.63
C LEU A 145 -16.04 -9.41 -6.69
N GLY A 146 -16.98 -9.05 -5.83
CA GLY A 146 -18.29 -9.69 -5.82
C GLY A 146 -18.29 -11.08 -5.22
N VAL A 147 -17.28 -11.40 -4.43
CA VAL A 147 -17.18 -12.74 -3.86
C VAL A 147 -17.76 -12.78 -2.45
N LEU A 148 -17.96 -13.99 -1.94
CA LEU A 148 -18.43 -14.18 -0.56
C LEU A 148 -17.26 -14.00 0.42
N PRO A 149 -17.57 -13.64 1.67
CA PRO A 149 -16.53 -13.58 2.71
C PRO A 149 -15.62 -14.83 2.77
N THR A 150 -16.19 -16.03 2.70
CA THR A 150 -15.37 -17.24 2.68
C THR A 150 -14.38 -17.26 1.50
N GLU A 151 -14.82 -16.80 0.33
CA GLU A 151 -14.00 -16.77 -0.87
C GLU A 151 -12.94 -15.67 -0.78
N ARG A 152 -13.34 -14.53 -0.25
CA ARG A 152 -12.38 -13.47 0.09
C ARG A 152 -11.23 -14.04 0.92
N ASP A 153 -11.56 -14.77 1.98
CA ASP A 153 -10.56 -15.33 2.88
C ASP A 153 -9.64 -16.35 2.17
N MET A 154 -10.17 -17.13 1.24
CA MET A 154 -9.33 -18.04 0.46
C MET A 154 -8.34 -17.28 -0.40
N LEU A 155 -8.84 -16.22 -1.05
CA LEU A 155 -8.01 -15.37 -1.89
C LEU A 155 -6.90 -14.73 -1.07
N LEU A 156 -7.24 -14.27 0.13
CA LEU A 156 -6.25 -13.70 1.03
C LEU A 156 -5.17 -14.70 1.38
N LYS A 157 -5.56 -15.91 1.78
CA LYS A 157 -4.57 -16.93 2.13
C LYS A 157 -3.66 -17.27 0.94
N TRP A 158 -4.26 -17.41 -0.25
CA TRP A 158 -3.48 -17.73 -1.44
C TRP A 158 -2.48 -16.63 -1.77
N SER A 159 -2.91 -15.38 -1.71
CA SER A 159 -1.99 -14.31 -2.04
C SER A 159 -0.86 -14.22 -1.01
N ASP A 160 -1.17 -14.48 0.26
CA ASP A 160 -0.13 -14.57 1.30
C ASP A 160 0.91 -15.64 0.96
N ASP A 161 0.44 -16.83 0.60
CA ASP A 161 1.35 -17.93 0.30
C ASP A 161 2.14 -17.67 -0.98
N LEU A 162 1.53 -17.00 -1.95
CA LEU A 162 2.23 -16.69 -3.19
C LEU A 162 3.36 -15.73 -2.94
N VAL A 163 3.10 -14.68 -2.15
CA VAL A 163 4.12 -13.70 -1.83
C VAL A 163 5.28 -14.39 -1.11
N CYS A 164 4.94 -15.19 -0.10
CA CYS A 164 5.94 -15.94 0.63
C CYS A 164 6.77 -16.83 -0.30
N GLY A 165 6.09 -17.61 -1.13
CA GLY A 165 6.77 -18.49 -2.07
C GLY A 165 7.69 -17.78 -3.04
N LEU A 166 7.20 -16.67 -3.61
CA LEU A 166 7.98 -15.90 -4.59
C LEU A 166 9.29 -15.37 -4.03
N SER A 167 9.31 -15.10 -2.71
CA SER A 167 10.50 -14.58 -2.04
C SER A 167 11.55 -15.68 -1.76
N SER A 168 11.10 -16.92 -1.66
CA SER A 168 12.02 -18.05 -1.51
C SER A 168 11.45 -19.36 -2.05
N HIS A 169 11.87 -19.71 -3.27
CA HIS A 169 11.60 -21.02 -3.83
C HIS A 169 12.91 -21.64 -4.33
N VAL A 170 13.80 -21.98 -3.41
CA VAL A 170 15.12 -22.48 -3.77
C VAL A 170 15.12 -24.00 -3.98
N ASP A 171 14.64 -24.75 -2.99
CA ASP A 171 14.59 -26.21 -3.10
C ASP A 171 13.56 -26.70 -4.12
N GLU A 172 13.55 -28.00 -4.35
CA GLU A 172 12.65 -28.60 -5.31
C GLU A 172 11.21 -28.57 -4.82
N ALA A 173 11.04 -28.61 -3.51
CA ALA A 173 9.71 -28.71 -2.89
C ALA A 173 8.99 -27.37 -2.79
N ALA A 174 9.71 -26.30 -2.49
CA ALA A 174 9.08 -24.99 -2.39
C ALA A 174 8.63 -24.52 -3.76
N ILE A 175 9.37 -24.92 -4.79
CA ILE A 175 8.97 -24.63 -6.16
C ILE A 175 7.62 -25.28 -6.48
N GLN A 176 7.43 -26.52 -6.03
CA GLN A 176 6.18 -27.23 -6.31
C GLN A 176 5.03 -26.70 -5.45
N LYS A 177 5.29 -26.40 -4.17
CA LYS A 177 4.28 -25.78 -3.33
C LYS A 177 3.86 -24.44 -3.94
N LEU A 178 4.84 -23.71 -4.46
CA LEU A 178 4.56 -22.43 -5.11
C LEU A 178 3.72 -22.64 -6.37
N MET A 179 4.07 -23.64 -7.16
CA MET A 179 3.30 -23.96 -8.34
C MET A 179 1.90 -24.48 -8.00
N ASP A 180 1.82 -25.29 -6.94
CA ASP A 180 0.52 -25.76 -6.45
C ASP A 180 -0.35 -24.59 -6.03
N THR A 181 0.26 -23.62 -5.35
CA THR A 181 -0.51 -22.48 -4.87
C THR A 181 -0.98 -21.63 -6.05
N PHE A 182 -0.09 -21.41 -7.01
CA PHE A 182 -0.45 -20.66 -8.22
C PHE A 182 -1.59 -21.37 -8.93
N ALA A 183 -1.50 -22.68 -9.05
CA ALA A 183 -2.55 -23.46 -9.71
C ALA A 183 -3.88 -23.37 -8.96
N ALA A 184 -3.83 -23.47 -7.64
CA ALA A 184 -5.05 -23.41 -6.83
C ALA A 184 -5.73 -22.05 -6.96
N TYR A 185 -4.93 -20.99 -6.88
CA TYR A 185 -5.44 -19.63 -6.97
C TYR A 185 -5.96 -19.34 -8.38
N THR A 186 -5.21 -19.76 -9.38
CA THR A 186 -5.58 -19.53 -10.77
C THR A 186 -6.87 -20.28 -11.11
N GLU A 187 -6.96 -21.52 -10.71
CA GLU A 187 -8.16 -22.28 -11.03
C GLU A 187 -9.40 -21.73 -10.32
N PHE A 188 -9.25 -21.29 -9.06
CA PHE A 188 -10.40 -20.69 -8.37
C PHE A 188 -10.86 -19.40 -9.06
N THR A 189 -9.89 -18.55 -9.38
CA THR A 189 -10.22 -17.25 -9.93
C THR A 189 -10.81 -17.38 -11.34
N LYS A 190 -10.27 -18.31 -12.12
CA LYS A 190 -10.81 -18.54 -13.46
C LYS A 190 -12.22 -19.13 -13.40
N ASP A 191 -12.52 -19.92 -12.37
CA ASP A 191 -13.88 -20.40 -12.23
C ASP A 191 -14.84 -19.23 -12.05
N VAL A 192 -14.43 -18.23 -11.27
CA VAL A 192 -15.26 -17.04 -11.09
C VAL A 192 -15.36 -16.27 -12.39
N ILE A 193 -14.22 -16.08 -13.07
CA ILE A 193 -14.21 -15.35 -14.33
C ILE A 193 -15.14 -16.00 -15.37
N THR A 194 -15.09 -17.32 -15.43
CA THR A 194 -15.93 -18.07 -16.35
C THR A 194 -17.41 -17.81 -16.05
N LYS A 195 -17.77 -17.79 -14.78
CA LYS A 195 -19.14 -17.48 -14.37
C LYS A 195 -19.56 -16.08 -14.79
N ARG A 196 -18.67 -15.10 -14.66
CA ARG A 196 -19.00 -13.73 -15.04
C ARG A 196 -19.02 -13.52 -16.55
N ARG A 197 -18.27 -14.34 -17.28
CA ARG A 197 -18.24 -14.23 -18.74
C ARG A 197 -19.62 -14.60 -19.31
N ALA A 198 -20.24 -15.59 -18.68
CA ALA A 198 -21.57 -16.04 -19.05
C ALA A 198 -22.64 -15.11 -18.52
N GLU A 199 -22.68 -14.99 -17.19
CA GLU A 199 -23.64 -14.13 -16.50
C GLU A 199 -22.93 -13.01 -15.74
N PRO A 200 -22.75 -11.87 -16.41
CA PRO A 200 -22.05 -10.72 -15.83
C PRO A 200 -22.81 -10.11 -14.65
N THR A 201 -22.05 -9.50 -13.76
CA THR A 201 -22.61 -8.71 -12.69
C THR A 201 -22.05 -7.29 -12.84
N ASP A 202 -22.06 -6.52 -11.77
CA ASP A 202 -21.43 -5.21 -11.83
C ASP A 202 -20.10 -5.26 -11.10
N ASP A 203 -19.59 -6.46 -10.82
CA ASP A 203 -18.38 -6.52 -10.02
C ASP A 203 -17.13 -6.33 -10.87
N LEU A 204 -16.00 -6.21 -10.19
CA LEU A 204 -14.73 -5.94 -10.85
C LEU A 204 -14.36 -7.03 -11.85
N PHE A 205 -14.67 -8.30 -11.57
CA PHE A 205 -14.38 -9.36 -12.53
C PHE A 205 -15.15 -9.10 -13.82
N SER A 206 -16.43 -8.75 -13.71
CA SER A 206 -17.24 -8.50 -14.91
C SER A 206 -16.71 -7.31 -15.71
N VAL A 207 -16.25 -6.29 -15.02
CA VAL A 207 -15.75 -5.10 -15.68
C VAL A 207 -14.47 -5.41 -16.46
N LEU A 208 -13.58 -6.17 -15.82
CA LEU A 208 -12.33 -6.56 -16.47
C LEU A 208 -12.58 -7.46 -17.67
N VAL A 209 -13.56 -8.35 -17.53
CA VAL A 209 -13.95 -9.22 -18.64
C VAL A 209 -14.41 -8.40 -19.85
N ASN A 210 -15.12 -7.30 -19.61
CA ASN A 210 -15.71 -6.53 -20.68
C ASN A 210 -14.85 -5.36 -21.16
N SER A 211 -13.76 -5.09 -20.45
CA SER A 211 -12.91 -3.95 -20.76
C SER A 211 -12.24 -4.14 -22.13
N GLU A 212 -12.31 -3.12 -22.97
CA GLU A 212 -11.65 -3.21 -24.27
C GLU A 212 -10.94 -1.92 -24.58
N VAL A 213 -9.65 -2.04 -24.96
CA VAL A 213 -8.82 -0.88 -25.25
C VAL A 213 -7.96 -1.19 -26.48
N GLU A 214 -7.99 -0.31 -27.47
CA GLU A 214 -7.21 -0.50 -28.69
C GLU A 214 -7.44 -1.89 -29.29
N GLY A 215 -8.71 -2.29 -29.30
CA GLY A 215 -9.12 -3.54 -29.92
C GLY A 215 -8.75 -4.78 -29.14
N GLN A 216 -8.22 -4.60 -27.94
CA GLN A 216 -7.75 -5.75 -27.18
C GLN A 216 -8.56 -5.95 -25.92
N ARG A 217 -8.72 -7.22 -25.55
CA ARG A 217 -9.40 -7.56 -24.30
C ARG A 217 -8.49 -8.45 -23.47
N MET A 218 -8.72 -8.47 -22.16
CA MET A 218 -7.90 -9.25 -21.27
C MET A 218 -8.18 -10.74 -21.37
N SER A 219 -7.11 -11.54 -21.40
CA SER A 219 -7.25 -12.99 -21.28
C SER A 219 -7.59 -13.38 -19.85
N ASP A 220 -8.06 -14.61 -19.68
CA ASP A 220 -8.35 -15.11 -18.34
C ASP A 220 -7.13 -15.02 -17.43
N ASP A 221 -5.97 -15.39 -17.95
CA ASP A 221 -4.75 -15.37 -17.14
C ASP A 221 -4.32 -13.94 -16.79
N GLU A 222 -4.53 -13.01 -17.70
CA GLU A 222 -4.22 -11.60 -17.42
C GLU A 222 -5.09 -11.08 -16.30
N ILE A 223 -6.37 -11.45 -16.33
CA ILE A 223 -7.29 -11.01 -15.28
C ILE A 223 -6.88 -11.62 -13.95
N VAL A 224 -6.48 -12.89 -13.97
CA VAL A 224 -6.03 -13.57 -12.75
C VAL A 224 -4.88 -12.80 -12.11
N PHE A 225 -3.92 -12.38 -12.93
CA PHE A 225 -2.74 -11.76 -12.36
C PHE A 225 -2.94 -10.29 -12.00
N GLU A 226 -3.78 -9.57 -12.73
CA GLU A 226 -4.04 -8.20 -12.32
C GLU A 226 -4.88 -8.19 -11.03
N THR A 227 -5.74 -9.20 -10.89
CA THR A 227 -6.47 -9.37 -9.64
C THR A 227 -5.52 -9.66 -8.49
N LEU A 228 -4.50 -10.47 -8.75
CA LEU A 228 -3.52 -10.79 -7.72
C LEU A 228 -2.79 -9.52 -7.29
N LEU A 229 -2.46 -8.67 -8.26
CA LEU A 229 -1.76 -7.42 -7.94
C LEU A 229 -2.64 -6.53 -7.06
N ILE A 230 -3.92 -6.51 -7.38
CA ILE A 230 -4.86 -5.69 -6.63
C ILE A 230 -5.01 -6.26 -5.20
N LEU A 231 -5.10 -7.58 -5.08
CA LEU A 231 -5.18 -8.24 -3.77
C LEU A 231 -3.99 -7.88 -2.90
N ILE A 232 -2.80 -7.98 -3.47
CA ILE A 232 -1.60 -7.68 -2.72
C ILE A 232 -1.43 -6.19 -2.48
N GLY A 233 -1.64 -5.40 -3.53
CA GLY A 233 -1.31 -3.99 -3.47
C GLY A 233 -2.25 -3.14 -2.65
N GLY A 234 -3.49 -3.61 -2.52
CA GLY A 234 -4.53 -2.77 -1.94
C GLY A 234 -4.95 -3.13 -0.53
N ASP A 235 -4.34 -4.19 0.02
CA ASP A 235 -4.77 -4.70 1.32
C ASP A 235 -3.93 -4.13 2.47
N GLU A 236 -2.73 -4.66 2.69
CA GLU A 236 -1.92 -4.26 3.83
C GLU A 236 -1.47 -2.79 3.77
N THR A 237 -1.33 -2.27 2.56
CA THR A 237 -0.96 -0.88 2.39
C THR A 237 -2.00 0.04 3.07
N THR A 238 -3.26 -0.14 2.67
CA THR A 238 -4.35 0.65 3.21
C THR A 238 -4.47 0.46 4.74
N ARG A 239 -4.32 -0.78 5.19
CA ARG A 239 -4.31 -1.10 6.62
C ARG A 239 -3.29 -0.24 7.39
N HIS A 240 -2.07 -0.18 6.88
CA HIS A 240 -0.98 0.48 7.60
C HIS A 240 -1.17 2.00 7.66
N THR A 241 -1.72 2.59 6.60
CA THR A 241 -2.01 4.02 6.66
C THR A 241 -3.14 4.27 7.64
N LEU A 242 -4.15 3.40 7.66
CA LEU A 242 -5.25 3.59 8.62
C LEU A 242 -4.74 3.52 10.08
N SER A 243 -3.96 2.48 10.40
CA SER A 243 -3.53 2.30 11.80
C SER A 243 -2.45 3.32 12.18
N GLY A 244 -1.43 3.44 11.34
CA GLY A 244 -0.33 4.35 11.64
C GLY A 244 -0.74 5.80 11.57
N GLY A 245 -1.71 6.08 10.70
CA GLY A 245 -2.20 7.44 10.56
C GLY A 245 -3.03 7.78 11.79
N THR A 246 -3.89 6.86 12.19
CA THR A 246 -4.71 7.07 13.39
C THR A 246 -3.82 7.18 14.61
N GLU A 247 -2.76 6.38 14.69
CA GLU A 247 -1.83 6.48 15.80
C GLU A 247 -1.33 7.91 15.96
N GLN A 248 -0.94 8.54 14.86
CA GLN A 248 -0.44 9.92 14.96
C GLN A 248 -1.53 10.90 15.36
N LEU A 249 -2.76 10.69 14.90
CA LEU A 249 -3.87 11.51 15.38
C LEU A 249 -4.03 11.35 16.88
N LEU A 250 -3.91 10.12 17.38
CA LEU A 250 -4.05 9.85 18.82
C LEU A 250 -2.90 10.43 19.64
N ARG A 251 -1.74 10.64 19.01
CA ARG A 251 -0.59 11.21 19.71
C ARG A 251 -0.56 12.74 19.69
N HIS A 252 -1.43 13.33 18.88
CA HIS A 252 -1.51 14.79 18.76
C HIS A 252 -2.92 15.25 19.08
N ARG A 253 -3.25 15.35 20.36
CA ARG A 253 -4.64 15.55 20.79
C ARG A 253 -5.29 16.79 20.20
N ASP A 254 -4.52 17.86 20.02
CA ASP A 254 -5.06 19.09 19.43
C ASP A 254 -5.58 18.83 18.03
N GLN A 255 -4.85 18.01 17.26
CA GLN A 255 -5.26 17.70 15.91
C GLN A 255 -6.43 16.72 15.92
N TRP A 256 -6.41 15.75 16.84
CA TRP A 256 -7.57 14.88 17.00
C TRP A 256 -8.80 15.73 17.28
N ASP A 257 -8.68 16.64 18.25
CA ASP A 257 -9.79 17.51 18.62
C ASP A 257 -10.28 18.37 17.46
N ALA A 258 -9.35 18.88 16.65
CA ALA A 258 -9.71 19.71 15.50
C ALA A 258 -10.58 18.95 14.51
N LEU A 259 -10.24 17.68 14.29
CA LEU A 259 -10.98 16.81 13.38
C LEU A 259 -12.37 16.45 13.91
N VAL A 260 -12.43 16.21 15.21
CA VAL A 260 -13.70 15.94 15.89
C VAL A 260 -14.63 17.14 15.71
N ALA A 261 -14.06 18.34 15.81
CA ALA A 261 -14.82 19.58 15.70
C ALA A 261 -15.14 19.95 14.26
N ASP A 262 -14.31 19.50 13.31
CA ASP A 262 -14.50 19.86 11.91
C ASP A 262 -14.09 18.74 10.96
N VAL A 263 -15.07 17.99 10.48
CA VAL A 263 -14.81 16.83 9.62
C VAL A 263 -14.26 17.25 8.25
N ASP A 264 -14.47 18.51 7.87
CA ASP A 264 -13.98 18.99 6.58
C ASP A 264 -12.45 19.04 6.53
N LEU A 265 -11.82 18.90 7.69
CA LEU A 265 -10.35 18.87 7.77
C LEU A 265 -9.77 17.49 7.49
N LEU A 266 -10.66 16.51 7.32
CA LEU A 266 -10.22 15.13 7.20
C LEU A 266 -9.41 14.84 5.92
N PRO A 267 -9.82 15.39 4.74
CA PRO A 267 -8.98 15.10 3.57
C PRO A 267 -7.51 15.53 3.74
N GLY A 268 -7.24 16.71 4.28
CA GLY A 268 -5.88 17.14 4.55
C GLY A 268 -5.17 16.23 5.55
N ALA A 269 -5.91 15.80 6.56
CA ALA A 269 -5.37 14.86 7.54
C ALA A 269 -4.93 13.55 6.88
N ILE A 270 -5.78 13.01 6.00
CA ILE A 270 -5.47 11.76 5.33
C ILE A 270 -4.18 11.86 4.52
N GLU A 271 -3.96 13.02 3.89
CA GLU A 271 -2.73 13.19 3.12
C GLU A 271 -1.51 13.14 4.04
N GLU A 272 -1.61 13.74 5.21
CA GLU A 272 -0.50 13.64 6.14
C GLU A 272 -0.36 12.21 6.69
N MET A 273 -1.47 11.50 6.88
CA MET A 273 -1.40 10.11 7.31
C MET A 273 -0.63 9.29 6.27
N LEU A 274 -0.91 9.55 4.99
CA LEU A 274 -0.19 8.91 3.90
C LEU A 274 1.31 9.22 3.90
N ARG A 275 1.66 10.50 3.95
CA ARG A 275 3.07 10.89 4.00
C ARG A 275 3.81 10.20 5.15
N TRP A 276 3.22 10.27 6.33
CA TRP A 276 3.89 9.80 7.54
C TRP A 276 4.09 8.28 7.51
N THR A 277 3.04 7.55 7.12
CA THR A 277 3.09 6.11 7.22
C THR A 277 3.90 5.48 6.09
N SER A 278 3.85 6.10 4.91
CA SER A 278 4.55 5.57 3.72
C SER A 278 4.63 4.03 3.70
N PRO A 279 3.47 3.35 3.61
CA PRO A 279 3.44 1.89 3.80
C PRO A 279 4.30 1.13 2.82
N VAL A 280 4.38 1.60 1.58
CA VAL A 280 5.28 0.99 0.62
C VAL A 280 6.64 1.64 0.84
N LYS A 281 7.56 0.86 1.39
CA LYS A 281 8.87 1.40 1.78
C LYS A 281 9.79 1.57 0.58
N ASN A 282 9.58 0.76 -0.44
CA ASN A 282 10.37 0.89 -1.65
C ASN A 282 9.74 0.15 -2.83
N MET A 283 10.14 0.56 -4.03
CA MET A 283 9.89 -0.17 -5.27
C MET A 283 11.19 -0.13 -6.06
N CYS A 284 11.53 -1.21 -6.75
CA CYS A 284 12.80 -1.24 -7.49
C CYS A 284 12.63 -0.78 -8.94
N ARG A 285 13.73 -0.29 -9.50
CA ARG A 285 13.84 0.01 -10.92
C ARG A 285 15.13 -0.63 -11.39
N THR A 286 15.21 -0.91 -12.70
CA THR A 286 16.43 -1.47 -13.27
C THR A 286 17.01 -0.46 -14.27
N LEU A 287 18.30 -0.17 -14.14
CA LEU A 287 18.93 0.82 -15.02
C LEU A 287 19.03 0.27 -16.44
N THR A 288 18.67 1.07 -17.43
CA THR A 288 18.79 0.64 -18.82
C THR A 288 20.07 1.19 -19.47
N ALA A 289 20.77 2.06 -18.73
CA ALA A 289 22.02 2.67 -19.18
C ALA A 289 22.90 2.99 -17.98
N ASP A 290 24.21 3.16 -18.21
CA ASP A 290 25.07 3.75 -17.19
C ASP A 290 24.64 5.19 -16.97
N THR A 291 24.67 5.66 -15.73
CA THR A 291 24.41 7.07 -15.49
C THR A 291 25.01 7.49 -14.15
N VAL A 292 25.40 8.76 -14.03
CA VAL A 292 25.81 9.26 -12.73
C VAL A 292 24.61 10.03 -12.19
N PHE A 293 24.06 9.51 -11.10
CA PHE A 293 22.76 9.93 -10.60
C PHE A 293 22.92 10.46 -9.18
N HIS A 294 22.79 11.77 -9.00
CA HIS A 294 22.89 12.41 -7.70
C HIS A 294 24.16 11.99 -6.96
N GLY A 295 25.25 11.93 -7.73
CA GLY A 295 26.57 11.69 -7.15
C GLY A 295 27.02 10.25 -7.14
N THR A 296 26.16 9.34 -7.58
CA THR A 296 26.50 7.92 -7.57
C THR A 296 26.58 7.35 -8.97
N GLU A 297 27.67 6.64 -9.25
CA GLU A 297 27.79 5.97 -10.55
C GLU A 297 26.92 4.71 -10.61
N LEU A 298 25.86 4.76 -11.41
CA LEU A 298 24.99 3.62 -11.59
C LEU A 298 25.36 2.90 -12.89
N ARG A 299 25.26 1.58 -12.89
CA ARG A 299 25.54 0.81 -14.11
C ARG A 299 24.29 0.15 -14.68
N ALA A 300 24.27 0.08 -16.01
CA ALA A 300 23.18 -0.59 -16.73
C ALA A 300 22.98 -1.99 -16.18
N GLY A 301 21.73 -2.36 -15.94
CA GLY A 301 21.43 -3.68 -15.43
C GLY A 301 21.27 -3.83 -13.92
N GLU A 302 21.77 -2.90 -13.13
CA GLU A 302 21.60 -3.03 -11.68
C GLU A 302 20.24 -2.49 -11.26
N LYS A 303 19.73 -3.01 -10.16
CA LYS A 303 18.49 -2.50 -9.57
C LYS A 303 18.78 -1.35 -8.60
N ILE A 304 17.82 -0.45 -8.48
CA ILE A 304 17.89 0.62 -7.52
C ILE A 304 16.56 0.67 -6.79
N MET A 305 16.60 0.90 -5.48
CA MET A 305 15.37 1.01 -4.71
C MET A 305 14.96 2.45 -4.57
N LEU A 306 13.69 2.73 -4.85
CA LEU A 306 13.14 4.05 -4.63
C LEU A 306 12.58 4.08 -3.21
N MET A 307 13.22 4.83 -2.32
CA MET A 307 12.84 4.78 -0.91
C MET A 307 11.78 5.83 -0.60
N PHE A 308 10.51 5.46 -0.69
CA PHE A 308 9.42 6.44 -0.61
C PHE A 308 9.32 7.08 0.78
N GLU A 309 9.54 6.32 1.84
CA GLU A 309 9.43 6.93 3.18
C GLU A 309 10.57 7.93 3.37
N SER A 310 11.76 7.57 2.89
CA SER A 310 12.89 8.49 3.00
C SER A 310 12.58 9.80 2.26
N ALA A 311 12.03 9.68 1.07
CA ALA A 311 11.69 10.86 0.28
C ALA A 311 10.60 11.68 0.99
N ASN A 312 9.67 11.00 1.67
CA ASN A 312 8.56 11.67 2.31
C ASN A 312 8.96 12.42 3.59
N PHE A 313 10.22 12.24 4.01
CA PHE A 313 10.73 12.99 5.16
C PHE A 313 11.88 13.90 4.76
N ASP A 314 11.94 14.21 3.48
CA ASP A 314 12.98 15.08 2.94
C ASP A 314 12.78 16.52 3.43
N GLU A 315 13.76 17.02 4.20
CA GLU A 315 13.66 18.35 4.78
C GLU A 315 13.68 19.48 3.74
N SER A 316 14.44 19.31 2.65
CA SER A 316 14.50 20.36 1.64
C SER A 316 13.14 20.55 0.97
N VAL A 317 12.30 19.52 0.96
CA VAL A 317 10.99 19.62 0.32
C VAL A 317 9.86 20.03 1.30
N PHE A 318 9.82 19.39 2.46
CA PHE A 318 8.70 19.58 3.38
C PHE A 318 8.96 20.62 4.47
N GLY A 319 10.22 21.00 4.67
CA GLY A 319 10.51 22.04 5.64
C GLY A 319 10.57 21.48 7.05
N ASP A 320 9.44 20.97 7.54
CA ASP A 320 9.40 20.34 8.84
C ASP A 320 8.76 18.94 8.79
N PRO A 321 9.36 18.01 8.02
CA PRO A 321 8.76 16.67 7.87
C PRO A 321 8.65 15.86 9.16
N ASP A 322 9.48 16.16 10.16
CA ASP A 322 9.47 15.35 11.38
C ASP A 322 8.31 15.70 12.31
N ASN A 323 7.56 16.74 11.97
CA ASN A 323 6.30 17.05 12.64
C ASN A 323 5.13 16.47 11.89
N PHE A 324 4.25 15.76 12.60
CA PHE A 324 2.98 15.34 12.00
C PHE A 324 2.00 16.51 12.07
N ARG A 325 1.47 16.91 10.91
CA ARG A 325 0.55 18.06 10.85
C ARG A 325 -0.57 17.85 9.83
N ILE A 326 -1.80 17.74 10.31
CA ILE A 326 -2.93 17.54 9.42
C ILE A 326 -3.17 18.76 8.51
N ASP A 327 -2.57 19.90 8.85
CA ASP A 327 -2.74 21.10 8.04
C ASP A 327 -1.57 21.32 7.09
N ARG A 328 -0.73 20.30 6.92
CA ARG A 328 0.37 20.44 5.98
C ARG A 328 -0.16 20.72 4.58
N ASN A 329 0.30 21.81 4.00
CA ASN A 329 -0.14 22.21 2.66
C ASN A 329 0.85 23.17 2.03
N PRO A 330 1.34 22.86 0.82
CA PRO A 330 1.01 21.66 0.04
C PRO A 330 1.59 20.39 0.67
N ASN A 331 1.13 19.24 0.20
CA ASN A 331 1.65 17.98 0.73
C ASN A 331 1.88 17.02 -0.41
N SER A 332 2.95 17.24 -1.17
CA SER A 332 3.20 16.45 -2.37
C SER A 332 3.99 15.20 -2.05
N HIS A 333 3.50 14.43 -1.09
CA HIS A 333 4.15 13.18 -0.70
C HIS A 333 4.12 12.17 -1.85
N VAL A 334 5.01 11.19 -1.78
CA VAL A 334 5.05 10.15 -2.80
C VAL A 334 4.72 8.78 -2.18
N ALA A 335 3.76 8.75 -1.26
CA ALA A 335 3.36 7.46 -0.68
C ALA A 335 2.79 6.54 -1.76
N PHE A 336 2.16 7.14 -2.77
CA PHE A 336 1.57 6.42 -3.90
C PHE A 336 2.50 6.36 -5.11
N GLY A 337 3.74 6.74 -4.91
CA GLY A 337 4.67 6.89 -6.02
C GLY A 337 4.37 8.13 -6.85
N PHE A 338 4.79 8.09 -8.12
CA PHE A 338 4.68 9.23 -9.01
C PHE A 338 4.85 8.74 -10.43
N GLY A 339 4.17 9.36 -11.37
CA GLY A 339 4.44 9.10 -12.77
C GLY A 339 3.56 8.02 -13.35
N THR A 340 4.07 7.29 -14.33
CA THR A 340 3.20 6.37 -15.07
C THR A 340 2.66 5.23 -14.20
N HIS A 341 3.38 4.83 -13.15
CA HIS A 341 2.89 3.76 -12.28
C HIS A 341 2.16 4.26 -11.03
N PHE A 342 1.93 5.56 -10.92
CA PHE A 342 1.20 6.15 -9.79
C PHE A 342 -0.01 5.31 -9.39
N CYS A 343 -0.08 4.96 -8.11
CA CYS A 343 -1.03 3.96 -7.61
C CYS A 343 -2.41 4.02 -8.24
N LEU A 344 -2.80 2.93 -8.88
CA LEU A 344 -4.10 2.87 -9.56
C LEU A 344 -5.24 2.95 -8.54
N GLY A 345 -4.97 2.47 -7.33
CA GLY A 345 -6.00 2.39 -6.31
C GLY A 345 -6.05 3.60 -5.37
N ASN A 346 -5.33 4.66 -5.72
CA ASN A 346 -5.14 5.78 -4.79
C ASN A 346 -6.44 6.42 -4.34
N GLN A 347 -7.41 6.53 -5.24
CA GLN A 347 -8.66 7.20 -4.87
C GLN A 347 -9.50 6.27 -3.99
N LEU A 348 -9.47 4.98 -4.28
CA LEU A 348 -10.17 4.00 -3.46
C LEU A 348 -9.58 3.97 -2.07
N ALA A 349 -8.25 3.97 -2.00
CA ALA A 349 -7.56 4.00 -0.71
C ALA A 349 -7.93 5.25 0.10
N ARG A 350 -7.92 6.39 -0.56
CA ARG A 350 -8.27 7.63 0.11
C ARG A 350 -9.71 7.61 0.58
N LEU A 351 -10.58 6.92 -0.16
CA LEU A 351 -11.98 6.83 0.22
C LEU A 351 -12.16 5.95 1.45
N GLU A 352 -11.52 4.79 1.44
CA GLU A 352 -11.54 3.89 2.62
C GLU A 352 -11.05 4.63 3.86
N LEU A 353 -9.93 5.32 3.70
CA LEU A 353 -9.33 6.03 4.82
C LEU A 353 -10.26 7.12 5.35
N ARG A 354 -10.87 7.87 4.44
CA ARG A 354 -11.78 8.94 4.86
C ARG A 354 -13.03 8.40 5.54
N LEU A 355 -13.67 7.40 4.94
CA LEU A 355 -14.94 6.90 5.48
C LEU A 355 -14.75 6.24 6.84
N MET A 356 -13.68 5.45 6.99
CA MET A 356 -13.45 4.82 8.29
C MET A 356 -13.10 5.87 9.34
N THR A 357 -12.19 6.79 9.01
CA THR A 357 -11.74 7.74 10.01
C THR A 357 -12.87 8.68 10.42
N GLU A 358 -13.74 9.05 9.47
CA GLU A 358 -14.97 9.77 9.76
C GLU A 358 -15.76 9.12 10.90
N ARG A 359 -15.97 7.82 10.75
CA ARG A 359 -16.80 7.07 11.69
C ARG A 359 -16.08 6.83 13.01
N VAL A 360 -14.76 6.65 12.95
CA VAL A 360 -13.99 6.50 14.18
C VAL A 360 -14.07 7.79 14.99
N LEU A 361 -13.88 8.93 14.33
CA LEU A 361 -13.99 10.23 14.98
C LEU A 361 -15.36 10.45 15.62
N ARG A 362 -16.42 9.98 14.95
CA ARG A 362 -17.78 10.21 15.42
C ARG A 362 -18.20 9.21 16.51
N ARG A 363 -17.81 7.94 16.36
CA ARG A 363 -18.29 6.90 17.28
C ARG A 363 -17.30 6.56 18.40
N LEU A 364 -16.02 6.85 18.19
CA LEU A 364 -15.01 6.69 19.25
C LEU A 364 -14.33 8.03 19.57
N PRO A 365 -15.12 9.03 19.97
CA PRO A 365 -14.59 10.40 20.00
C PRO A 365 -13.49 10.65 21.04
N ASP A 366 -13.32 9.74 22.01
CA ASP A 366 -12.28 9.91 23.02
C ASP A 366 -11.27 8.78 22.93
N LEU A 367 -11.14 8.22 21.74
CA LEU A 367 -10.15 7.19 21.45
C LEU A 367 -8.75 7.62 21.91
N ARG A 368 -8.05 6.71 22.58
CA ARG A 368 -6.68 6.95 23.03
C ARG A 368 -5.86 5.67 22.89
N LEU A 369 -4.56 5.81 22.68
CA LEU A 369 -3.66 4.66 22.82
C LEU A 369 -3.76 4.14 24.25
N ALA A 370 -3.71 2.81 24.42
CA ALA A 370 -3.79 2.24 25.76
C ALA A 370 -2.57 2.69 26.55
N ASP A 371 -1.47 2.87 25.84
CA ASP A 371 -0.21 3.29 26.43
C ASP A 371 0.66 3.96 25.36
N ASP A 372 1.52 4.88 25.75
CA ASP A 372 2.23 5.71 24.78
C ASP A 372 3.52 5.11 24.19
N ALA A 373 3.85 3.89 24.60
CA ALA A 373 5.03 3.20 24.06
C ALA A 373 4.93 3.10 22.55
N PRO A 374 6.06 2.98 21.86
CA PRO A 374 5.95 2.84 20.40
C PRO A 374 5.22 1.56 20.01
N VAL A 375 4.47 1.68 18.93
CA VAL A 375 3.74 0.57 18.37
C VAL A 375 4.70 -0.35 17.62
N PRO A 376 4.57 -1.67 17.81
CA PRO A 376 5.46 -2.59 17.08
C PRO A 376 5.16 -2.59 15.57
N LEU A 377 6.22 -2.69 14.75
CA LEU A 377 6.12 -2.63 13.29
C LEU A 377 6.48 -3.97 12.64
N ARG A 378 5.89 -4.23 11.48
CA ARG A 378 6.16 -5.47 10.74
C ARG A 378 7.56 -5.46 10.11
N PRO A 379 8.35 -6.51 10.36
CA PRO A 379 9.67 -6.60 9.71
C PRO A 379 9.55 -7.16 8.31
N ALA A 380 9.20 -6.30 7.36
CA ALA A 380 9.07 -6.69 5.96
C ALA A 380 9.80 -5.64 5.15
N ASN A 381 10.40 -6.04 4.03
CA ASN A 381 11.20 -5.10 3.26
C ASN A 381 10.42 -4.37 2.17
N PHE A 382 9.12 -4.63 2.09
CA PHE A 382 8.32 -4.08 1.01
C PHE A 382 7.20 -3.19 1.56
N VAL A 383 6.21 -3.81 2.19
CA VAL A 383 5.11 -3.06 2.79
C VAL A 383 5.11 -3.32 4.29
N SER A 384 5.08 -2.26 5.08
CA SER A 384 5.13 -2.42 6.53
C SER A 384 4.40 -1.31 7.27
N GLY A 385 3.98 -1.62 8.50
CA GLY A 385 3.27 -0.70 9.36
C GLY A 385 3.02 -1.44 10.68
N PRO A 386 2.14 -0.89 11.53
CA PRO A 386 1.89 -1.44 12.88
C PRO A 386 1.42 -2.90 12.89
N GLU A 387 2.01 -3.72 13.76
CA GLU A 387 1.54 -5.10 13.95
C GLU A 387 0.35 -5.16 14.90
N SER A 388 0.35 -4.25 15.87
CA SER A 388 -0.75 -4.17 16.83
C SER A 388 -0.84 -2.75 17.37
N MET A 389 -1.97 -2.42 17.99
CA MET A 389 -2.19 -1.06 18.47
C MET A 389 -3.35 -1.04 19.44
N PRO A 390 -3.09 -1.42 20.70
CA PRO A 390 -4.18 -1.40 21.69
C PRO A 390 -4.69 0.02 21.95
N VAL A 391 -6.00 0.17 21.94
CA VAL A 391 -6.63 1.47 22.16
C VAL A 391 -7.78 1.31 23.14
N VAL A 392 -8.15 2.43 23.75
CA VAL A 392 -9.26 2.48 24.70
C VAL A 392 -10.18 3.67 24.37
N PHE A 393 -11.43 3.57 24.77
CA PHE A 393 -12.45 4.54 24.42
C PHE A 393 -13.67 4.30 25.30
N THR A 394 -14.48 5.33 25.50
CA THR A 394 -15.75 5.14 26.20
C THR A 394 -16.68 4.28 25.34
N PRO A 395 -17.26 3.22 25.94
CA PRO A 395 -18.19 2.38 25.18
C PRO A 395 -19.34 3.17 24.59
N SER A 396 -19.91 2.65 23.51
CA SER A 396 -21.14 3.21 22.96
C SER A 396 -21.94 2.08 22.35
N ALA A 397 -23.17 2.38 21.97
CA ALA A 397 -24.09 1.36 21.46
C ALA A 397 -23.89 1.15 19.96
N PRO A 398 -23.99 -0.12 19.51
CA PRO A 398 -23.81 -0.50 18.10
C PRO A 398 -24.94 0.00 17.23
N VAL A 399 -24.65 0.25 15.97
CA VAL A 399 -25.66 0.75 15.03
C VAL A 399 -26.56 -0.38 14.57
N LEU A 400 -25.95 -1.54 14.29
CA LEU A 400 -26.67 -2.72 13.78
C LEU A 400 -27.66 -2.33 12.67
N ALA A 401 -27.10 -1.71 11.64
CA ALA A 401 -27.90 -1.08 10.58
C ALA A 401 -28.78 -2.03 9.78
N HIS A 402 -28.50 -3.33 9.82
CA HIS A 402 -29.28 -4.27 9.01
C HIS A 402 -30.59 -4.69 9.70
N HIS A 403 -30.83 -4.20 10.92
CA HIS A 403 -32.07 -4.56 11.64
C HIS A 403 -33.28 -3.71 11.22
CHA HEM B . 0.85 0.94 -7.50
CHB HEM B . 1.14 2.48 -2.89
CHC HEM B . -3.49 1.14 -2.21
CHD HEM B . -3.54 -0.99 -6.57
C1A HEM B . 1.32 1.47 -6.32
C2A HEM B . 2.66 2.00 -6.09
C3A HEM B . 2.72 2.43 -4.83
C4A HEM B . 1.44 2.19 -4.20
CMA HEM B . 3.94 3.05 -4.12
CAA HEM B . 3.82 2.07 -7.12
CBA HEM B . 3.92 3.46 -7.72
CGA HEM B . 5.31 3.74 -8.25
O1A HEM B . 6.21 2.85 -8.24
O2A HEM B . 5.49 4.90 -8.69
C1B HEM B . -0.10 2.29 -2.32
C2B HEM B . -0.51 2.77 -1.02
C3B HEM B . -1.79 2.38 -0.85
C4B HEM B . -2.21 1.67 -2.02
CMB HEM B . 0.40 3.58 -0.05
CAB HEM B . -2.77 2.62 0.34
CBB HEM B . -2.54 3.48 1.33
C1C HEM B . -3.92 0.48 -3.34
C2C HEM B . -5.25 -0.05 -3.56
C3C HEM B . -5.26 -0.65 -4.77
C4C HEM B . -3.93 -0.52 -5.34
CMC HEM B . -6.43 0.09 -2.56
CAC HEM B . -6.39 -1.38 -5.53
CBC HEM B . -7.54 -1.77 -4.98
C1D HEM B . -2.36 -0.65 -7.19
C2D HEM B . -1.95 -1.04 -8.53
C3D HEM B . -0.75 -0.50 -8.79
C4D HEM B . -0.34 0.26 -7.63
CMD HEM B . -2.79 -1.94 -9.49
CAD HEM B . 0.08 -0.64 -10.09
CBD HEM B . -0.06 0.65 -10.89
CGD HEM B . 0.80 0.63 -12.13
O1D HEM B . 1.80 -0.12 -12.16
O2D HEM B . 0.49 1.37 -13.10
NA HEM B . 0.60 1.59 -5.14
NB HEM B . -1.15 1.61 -2.91
NC HEM B . -3.15 0.19 -4.46
ND HEM B . -1.35 0.15 -6.67
FE HEM B . -1.33 1.03 -4.85
#